data_1GTV
#
_entry.id   1GTV
#
_cell.length_a   76.353
_cell.length_b   76.353
_cell.length_c   134.815
_cell.angle_alpha   90.00
_cell.angle_beta   90.00
_cell.angle_gamma   120.00
#
_symmetry.space_group_name_H-M   'P 65 2 2'
#
loop_
_entity.id
_entity.type
_entity.pdbx_description
1 polymer 'THYMIDYLATE KINASE'
2 non-polymer 'MAGNESIUM ION'
3 non-polymer "THYMIDINE-5'-DIPHOSPHATE"
4 non-polymer 'SULFATE ION'
5 non-polymer 'ACETATE ION'
6 non-polymer "THYMIDINE-5'-PHOSPHATE"
7 water water
#
_entity_poly.entity_id   1
_entity_poly.type   'polypeptide(L)'
_entity_poly.pdbx_seq_one_letter_code
;MLIAIEGVDGAGKRTLVEKLSGAFRAAGRSVATLAFPRYGQSVAADIAAEALHGEHGDLASSVYAMATLFALDRAGAVHT
IQGLCRGYDVVILDRYVASNAAYSAARLHENAAGKAAAWVQRIEFARLGLPKPDWQVLLAVSAELAGERSRGRAQRDPGR
ARDNYERDAELQQRTGAVYAELAAQGWGGRWLVVGADVDPGRLAATLAPPDVPS
;
_entity_poly.pdbx_strand_id   A,B
#
# COMPACT_ATOMS: atom_id res chain seq x y z
N MET A 1 8.43 -0.93 -16.27
N MET A 1 8.14 -1.47 -16.42
CA MET A 1 8.80 -1.29 -14.86
CA MET A 1 8.65 -1.37 -15.01
C MET A 1 7.70 -0.92 -13.88
C MET A 1 7.51 -1.02 -14.07
N LEU A 2 7.25 -1.91 -13.10
CA LEU A 2 6.19 -1.70 -12.12
C LEU A 2 6.77 -1.59 -10.72
N ILE A 3 6.55 -0.45 -10.08
CA ILE A 3 7.05 -0.19 -8.73
C ILE A 3 5.90 0.10 -7.78
N ALA A 4 5.89 -0.56 -6.63
CA ALA A 4 4.84 -0.31 -5.64
C ALA A 4 5.46 0.30 -4.39
N ILE A 5 4.85 1.38 -3.90
CA ILE A 5 5.32 2.04 -2.68
C ILE A 5 4.43 1.53 -1.55
N GLU A 6 5.06 0.99 -0.50
CA GLU A 6 4.35 0.42 0.64
C GLU A 6 4.73 1.06 1.96
N GLY A 7 3.91 0.86 2.97
CA GLY A 7 4.19 1.43 4.27
C GLY A 7 2.90 1.66 5.04
N VAL A 8 3.04 1.90 6.34
CA VAL A 8 1.88 2.13 7.19
C VAL A 8 1.22 3.47 6.90
N ASP A 9 0.09 3.72 7.54
CA ASP A 9 -0.63 4.97 7.35
C ASP A 9 0.19 6.12 7.89
N GLY A 10 0.33 7.17 7.07
CA GLY A 10 1.10 8.33 7.47
C GLY A 10 2.60 8.17 7.35
N ALA A 11 3.04 7.19 6.59
CA ALA A 11 4.47 6.95 6.42
C ALA A 11 5.11 7.96 5.46
N GLY A 12 4.29 8.56 4.60
CA GLY A 12 4.79 9.53 3.64
C GLY A 12 4.84 8.98 2.22
N LYS A 13 4.04 7.95 1.97
CA LYS A 13 4.01 7.31 0.65
C LYS A 13 3.62 8.22 -0.50
N ARG A 14 2.53 8.97 -0.33
CA ARG A 14 2.06 9.87 -1.37
C ARG A 14 3.15 10.85 -1.78
N THR A 15 3.85 11.39 -0.79
CA THR A 15 4.92 12.34 -1.05
C THR A 15 6.07 11.67 -1.80
N LEU A 16 6.43 10.47 -1.39
CA LEU A 16 7.53 9.76 -2.04
C LEU A 16 7.18 9.46 -3.49
N VAL A 17 5.91 9.13 -3.75
CA VAL A 17 5.48 8.86 -5.12
C VAL A 17 5.70 10.11 -5.98
N GLU A 18 5.38 11.27 -5.41
CA GLU A 18 5.54 12.53 -6.12
C GLU A 18 7.01 12.80 -6.43
N LYS A 19 7.85 12.70 -5.39
CA LYS A 19 9.29 12.93 -5.54
C LYS A 19 9.93 11.93 -6.50
N LEU A 20 9.56 10.66 -6.37
CA LEU A 20 10.12 9.62 -7.22
C LEU A 20 9.72 9.83 -8.68
N SER A 21 8.46 10.19 -8.91
CA SER A 21 7.99 10.43 -10.27
C SER A 21 8.78 11.58 -10.87
N GLY A 22 9.04 12.59 -10.05
CA GLY A 22 9.80 13.75 -10.51
C GLY A 22 11.22 13.35 -10.88
N ALA A 23 11.81 12.48 -10.08
CA ALA A 23 13.17 12.01 -10.33
C ALA A 23 13.25 11.22 -11.62
N PHE A 24 12.28 10.33 -11.86
CA PHE A 24 12.27 9.54 -13.08
C PHE A 24 12.10 10.42 -14.30
N ARG A 25 11.21 11.40 -14.20
CA ARG A 25 10.97 12.32 -15.31
C ARG A 25 12.19 13.19 -15.57
N ALA A 26 12.93 13.49 -14.51
CA ALA A 26 14.14 14.31 -14.63
C ALA A 26 15.20 13.50 -15.36
N ALA A 27 15.04 12.19 -15.36
CA ALA A 27 15.98 11.29 -16.02
C ALA A 27 15.52 10.92 -17.42
N GLY A 28 14.41 11.52 -17.86
CA GLY A 28 13.90 11.27 -19.19
C GLY A 28 12.93 10.14 -19.40
N ARG A 29 12.45 9.53 -18.32
N ARG A 29 12.46 9.52 -18.32
CA ARG A 29 11.51 8.42 -18.43
CA ARG A 29 11.51 8.41 -18.46
C ARG A 29 10.06 8.87 -18.23
C ARG A 29 10.07 8.86 -18.23
N SER A 30 9.15 8.25 -18.98
CA SER A 30 7.73 8.59 -18.86
C SER A 30 7.25 7.86 -17.63
N VAL A 31 6.37 8.51 -16.87
CA VAL A 31 5.86 7.92 -15.64
C VAL A 31 4.34 8.02 -15.51
N ALA A 32 3.74 6.96 -15.00
CA ALA A 32 2.31 6.91 -14.76
C ALA A 32 2.17 6.45 -13.31
N THR A 33 1.14 6.95 -12.62
CA THR A 33 0.92 6.57 -11.24
C THR A 33 -0.53 6.16 -11.00
N LEU A 34 -0.72 5.33 -9.99
CA LEU A 34 -2.05 4.85 -9.63
C LEU A 34 -2.02 4.57 -8.14
N ALA A 35 -3.09 4.92 -7.43
CA ALA A 35 -3.14 4.69 -6.00
C ALA A 35 -4.29 3.78 -5.60
N PHE A 36 -4.01 2.88 -4.66
CA PHE A 36 -5.02 1.98 -4.16
C PHE A 36 -5.22 2.36 -2.70
N PRO A 37 -6.47 2.35 -2.24
CA PRO A 37 -7.70 1.99 -2.97
C PRO A 37 -8.08 3.03 -4.02
N ARG A 38 -8.72 2.56 -5.09
CA ARG A 38 -9.17 3.45 -6.17
C ARG A 38 -10.54 4.01 -5.87
N TYR A 39 -10.63 4.84 -4.84
CA TYR A 39 -11.89 5.45 -4.44
C TYR A 39 -12.55 6.15 -5.63
N GLY A 40 -13.84 5.88 -5.82
CA GLY A 40 -14.57 6.49 -6.91
C GLY A 40 -14.61 5.67 -8.19
N GLN A 41 -13.62 4.79 -8.37
CA GLN A 41 -13.57 3.95 -9.57
C GLN A 41 -13.97 2.52 -9.26
N SER A 42 -14.09 2.20 -7.97
CA SER A 42 -14.46 0.86 -7.55
C SER A 42 -15.48 0.93 -6.41
N VAL A 43 -16.59 0.21 -6.58
CA VAL A 43 -17.61 0.17 -5.54
C VAL A 43 -17.03 -0.54 -4.33
N ALA A 44 -16.19 -1.53 -4.59
CA ALA A 44 -15.56 -2.29 -3.52
C ALA A 44 -14.67 -1.39 -2.66
N ALA A 45 -13.91 -0.51 -3.30
CA ALA A 45 -13.02 0.39 -2.58
C ALA A 45 -13.79 1.36 -1.70
N ASP A 46 -14.85 1.94 -2.25
CA ASP A 46 -15.66 2.90 -1.51
C ASP A 46 -16.36 2.29 -0.30
N ILE A 47 -16.89 1.08 -0.47
CA ILE A 47 -17.57 0.38 0.62
C ILE A 47 -16.55 0.05 1.69
N ALA A 48 -15.34 -0.35 1.29
CA ALA A 48 -14.29 -0.67 2.25
C ALA A 48 -13.97 0.55 3.12
N ALA A 49 -13.76 1.70 2.48
CA ALA A 49 -13.44 2.92 3.22
C ALA A 49 -14.59 3.30 4.15
N GLU A 50 -15.81 3.23 3.65
CA GLU A 50 -16.98 3.56 4.45
C GLU A 50 -17.10 2.64 5.64
N ALA A 51 -16.77 1.37 5.46
CA ALA A 51 -16.83 0.41 6.55
C ALA A 51 -15.81 0.79 7.62
N LEU A 52 -14.63 1.24 7.19
CA LEU A 52 -13.61 1.64 8.14
C LEU A 52 -13.97 2.93 8.86
N HIS A 53 -15.01 3.60 8.37
CA HIS A 53 -15.47 4.82 9.03
C HIS A 53 -16.77 4.61 9.79
N GLY A 54 -17.10 3.34 10.05
CA GLY A 54 -18.28 3.03 10.82
C GLY A 54 -19.56 2.59 10.16
N GLU A 55 -19.56 2.47 8.84
N GLU A 55 -19.56 2.47 8.84
CA GLU A 55 -20.76 2.07 8.11
CA GLU A 55 -20.78 2.06 8.14
C GLU A 55 -20.76 0.60 7.72
C GLU A 55 -20.76 0.60 7.71
N HIS A 56 -21.86 0.17 7.11
CA HIS A 56 -21.99 -1.21 6.63
C HIS A 56 -21.92 -2.33 7.65
N GLY A 57 -22.69 -2.18 8.72
CA GLY A 57 -22.77 -3.19 9.75
C GLY A 57 -21.50 -3.84 10.23
N ASP A 58 -21.45 -5.16 10.17
CA ASP A 58 -20.31 -5.93 10.66
C ASP A 58 -19.23 -6.22 9.63
N LEU A 59 -19.27 -5.54 8.49
N LEU A 59 -19.28 -5.53 8.51
CA LEU A 59 -18.29 -5.79 7.45
CA LEU A 59 -18.30 -5.74 7.43
C LEU A 59 -16.83 -5.62 7.87
C LEU A 59 -16.85 -5.61 7.87
N ALA A 60 -16.50 -4.47 8.45
CA ALA A 60 -15.13 -4.22 8.89
C ALA A 60 -14.59 -5.17 9.96
N SER A 61 -15.48 -5.84 10.69
CA SER A 61 -15.03 -6.76 11.73
C SER A 61 -14.40 -8.02 11.16
N SER A 62 -14.63 -8.25 9.87
CA SER A 62 -14.04 -9.42 9.21
C SER A 62 -12.76 -9.04 8.49
N VAL A 63 -11.65 -9.65 8.89
CA VAL A 63 -10.37 -9.38 8.28
C VAL A 63 -10.35 -9.80 6.81
N TYR A 64 -10.90 -10.98 6.52
CA TYR A 64 -10.91 -11.45 5.14
C TYR A 64 -11.90 -10.71 4.24
N ALA A 65 -12.98 -10.18 4.82
CA ALA A 65 -13.95 -9.43 4.01
C ALA A 65 -13.28 -8.14 3.54
N MET A 66 -12.57 -7.47 4.43
CA MET A 66 -11.88 -6.24 4.07
C MET A 66 -10.81 -6.54 3.02
N ALA A 67 -10.05 -7.59 3.24
CA ALA A 67 -9.01 -7.95 2.29
C ALA A 67 -9.63 -8.25 0.92
N THR A 68 -10.76 -8.94 0.92
CA THR A 68 -11.41 -9.28 -0.34
C THR A 68 -11.85 -8.02 -1.09
N LEU A 69 -12.36 -7.03 -0.38
CA LEU A 69 -12.80 -5.80 -1.04
C LEU A 69 -11.61 -5.09 -1.71
N PHE A 70 -10.49 -5.02 -1.01
CA PHE A 70 -9.33 -4.35 -1.59
C PHE A 70 -8.79 -5.14 -2.77
N ALA A 71 -8.91 -6.47 -2.71
CA ALA A 71 -8.45 -7.32 -3.79
C ALA A 71 -9.38 -7.16 -5.00
N LEU A 72 -10.68 -7.01 -4.75
CA LEU A 72 -11.64 -6.83 -5.84
C LEU A 72 -11.42 -5.48 -6.51
N ASP A 73 -10.95 -4.51 -5.74
CA ASP A 73 -10.66 -3.18 -6.29
C ASP A 73 -9.50 -3.32 -7.26
N ARG A 74 -8.43 -4.00 -6.84
CA ARG A 74 -7.27 -4.19 -7.71
C ARG A 74 -7.60 -5.08 -8.91
N ALA A 75 -8.50 -6.03 -8.72
CA ALA A 75 -8.89 -6.93 -9.81
C ALA A 75 -9.45 -6.13 -10.97
N GLY A 76 -10.23 -5.10 -10.65
CA GLY A 76 -10.82 -4.28 -11.68
C GLY A 76 -9.82 -3.35 -12.35
N ALA A 77 -8.61 -3.28 -11.78
CA ALA A 77 -7.57 -2.41 -12.33
C ALA A 77 -6.49 -3.18 -13.08
N VAL A 78 -6.69 -4.48 -13.28
CA VAL A 78 -5.70 -5.30 -13.98
C VAL A 78 -5.42 -4.75 -15.38
N HIS A 79 -6.47 -4.50 -16.15
CA HIS A 79 -6.33 -3.98 -17.50
C HIS A 79 -5.59 -2.64 -17.50
N THR A 80 -5.95 -1.76 -16.57
CA THR A 80 -5.32 -0.45 -16.47
C THR A 80 -3.83 -0.61 -16.19
N ILE A 81 -3.51 -1.44 -15.20
CA ILE A 81 -2.11 -1.67 -14.84
C ILE A 81 -1.35 -2.25 -16.02
N GLN A 82 -1.97 -3.19 -16.73
CA GLN A 82 -1.28 -3.78 -17.88
C GLN A 82 -1.10 -2.75 -18.99
N GLY A 83 -2.11 -1.92 -19.20
CA GLY A 83 -2.04 -0.89 -20.23
C GLY A 83 -1.00 0.16 -19.91
N LEU A 84 -0.93 0.56 -18.65
CA LEU A 84 0.04 1.57 -18.23
C LEU A 84 1.47 1.09 -18.38
N CYS A 85 1.69 -0.19 -18.08
CA CYS A 85 3.04 -0.76 -18.18
C CYS A 85 3.55 -0.87 -19.61
N ARG A 86 2.64 -0.98 -20.57
CA ARG A 86 3.05 -1.07 -21.97
C ARG A 86 3.02 0.29 -22.64
N GLY A 87 2.65 1.31 -21.87
CA GLY A 87 2.57 2.65 -22.43
C GLY A 87 3.58 3.61 -21.80
N TYR A 88 4.02 3.30 -20.59
CA TYR A 88 4.98 4.15 -19.89
C TYR A 88 6.24 3.38 -19.50
N ASP A 89 7.35 4.09 -19.32
CA ASP A 89 8.60 3.47 -18.92
C ASP A 89 8.52 2.97 -17.49
N VAL A 90 7.83 3.73 -16.65
CA VAL A 90 7.69 3.40 -15.25
C VAL A 90 6.26 3.62 -14.76
N VAL A 91 5.75 2.67 -13.99
CA VAL A 91 4.43 2.77 -13.41
C VAL A 91 4.63 2.64 -11.91
N ILE A 92 4.21 3.66 -11.16
CA ILE A 92 4.37 3.67 -9.71
C ILE A 92 3.02 3.59 -9.03
N LEU A 93 2.89 2.66 -8.07
CA LEU A 93 1.65 2.47 -7.35
C LEU A 93 1.76 2.89 -5.88
N ASP A 94 0.77 3.65 -5.41
CA ASP A 94 0.73 4.08 -4.03
C ASP A 94 -0.11 2.98 -3.40
N ARG A 95 0.58 2.00 -2.82
CA ARG A 95 -0.02 0.81 -2.19
C ARG A 95 -0.33 -0.20 -3.29
N TYR A 96 -0.16 -1.47 -2.96
CA TYR A 96 -0.47 -2.55 -3.90
C TYR A 96 -0.80 -3.79 -3.08
N VAL A 97 -0.60 -4.96 -3.67
CA VAL A 97 -0.93 -6.21 -3.01
C VAL A 97 -0.32 -6.42 -1.62
N ALA A 98 0.92 -6.01 -1.40
CA ALA A 98 1.56 -6.19 -0.10
C ALA A 98 0.82 -5.50 1.05
N SER A 99 0.11 -4.42 0.75
CA SER A 99 -0.65 -3.71 1.79
C SER A 99 -1.67 -4.68 2.38
N ASN A 100 -2.28 -5.47 1.51
CA ASN A 100 -3.28 -6.43 1.98
C ASN A 100 -2.65 -7.52 2.85
N ALA A 101 -1.46 -7.99 2.47
CA ALA A 101 -0.79 -9.01 3.25
C ALA A 101 -0.37 -8.46 4.61
N ALA A 102 0.21 -7.27 4.62
CA ALA A 102 0.68 -6.66 5.87
C ALA A 102 -0.44 -6.36 6.86
N TYR A 103 -1.47 -5.64 6.41
CA TYR A 103 -2.57 -5.30 7.31
C TYR A 103 -3.39 -6.51 7.74
N SER A 104 -3.63 -7.46 6.83
CA SER A 104 -4.40 -8.65 7.19
C SER A 104 -3.67 -9.48 8.23
N ALA A 105 -2.38 -9.71 8.02
CA ALA A 105 -1.58 -10.49 8.96
C ALA A 105 -1.58 -9.78 10.31
N ALA A 106 -1.35 -8.47 10.30
CA ALA A 106 -1.32 -7.71 11.53
C ALA A 106 -2.65 -7.73 12.29
N ARG A 107 -3.77 -7.67 11.58
CA ARG A 107 -5.05 -7.70 12.28
C ARG A 107 -5.25 -9.05 12.97
N LEU A 108 -4.68 -10.10 12.40
CA LEU A 108 -4.80 -11.44 12.94
C LEU A 108 -3.65 -11.82 13.88
N HIS A 109 -2.73 -10.89 14.11
CA HIS A 109 -1.56 -11.12 14.96
C HIS A 109 -0.71 -12.26 14.42
N GLU A 110 -0.62 -12.31 13.10
CA GLU A 110 0.18 -13.32 12.39
C GLU A 110 1.44 -12.64 11.87
N ASN A 111 2.40 -13.43 11.41
CA ASN A 111 3.62 -12.86 10.82
C ASN A 111 3.55 -13.04 9.30
N ALA A 112 4.59 -12.62 8.60
CA ALA A 112 4.62 -12.70 7.15
C ALA A 112 4.57 -14.12 6.59
N ALA A 113 4.94 -15.10 7.41
CA ALA A 113 4.92 -16.48 6.97
C ALA A 113 3.60 -17.15 7.35
N GLY A 114 2.64 -16.33 7.79
CA GLY A 114 1.35 -16.85 8.22
C GLY A 114 0.31 -17.11 7.14
N LYS A 115 -0.89 -17.48 7.61
CA LYS A 115 -2.02 -17.82 6.76
C LYS A 115 -2.53 -16.69 5.87
N ALA A 116 -2.70 -15.51 6.44
CA ALA A 116 -3.23 -14.38 5.69
C ALA A 116 -2.35 -13.96 4.53
N ALA A 117 -1.04 -13.85 4.77
CA ALA A 117 -0.14 -13.44 3.70
C ALA A 117 -0.17 -14.46 2.56
N ALA A 118 -0.23 -15.74 2.90
CA ALA A 118 -0.26 -16.79 1.89
C ALA A 118 -1.57 -16.74 1.11
N TRP A 119 -2.67 -16.40 1.80
CA TRP A 119 -3.97 -16.29 1.15
C TRP A 119 -3.93 -15.13 0.14
N VAL A 120 -3.34 -14.00 0.52
CA VAL A 120 -3.25 -12.86 -0.37
C VAL A 120 -2.46 -13.24 -1.62
N GLN A 121 -1.37 -13.99 -1.44
N GLN A 121 -1.38 -14.01 -1.43
CA GLN A 121 -0.56 -14.45 -2.58
CA GLN A 121 -0.53 -14.47 -2.52
C GLN A 121 -1.44 -15.25 -3.53
C GLN A 121 -1.37 -15.28 -3.52
N ARG A 122 -2.10 -16.27 -3.00
CA ARG A 122 -2.96 -17.14 -3.81
C ARG A 122 -4.09 -16.42 -4.52
N ILE A 123 -4.76 -15.52 -3.82
CA ILE A 123 -5.90 -14.83 -4.39
C ILE A 123 -5.54 -13.73 -5.38
N GLU A 124 -4.67 -12.82 -4.97
CA GLU A 124 -4.35 -11.70 -5.85
C GLU A 124 -3.41 -11.95 -7.01
N PHE A 125 -2.28 -12.61 -6.75
CA PHE A 125 -1.33 -12.86 -7.82
C PHE A 125 -1.71 -14.04 -8.71
N ALA A 126 -2.02 -15.17 -8.11
CA ALA A 126 -2.37 -16.35 -8.88
C ALA A 126 -3.78 -16.37 -9.45
N ARG A 127 -4.77 -16.22 -8.59
CA ARG A 127 -6.16 -16.26 -9.03
C ARG A 127 -6.65 -15.06 -9.84
N LEU A 128 -6.42 -13.84 -9.32
CA LEU A 128 -6.87 -12.64 -10.02
C LEU A 128 -5.94 -12.17 -11.13
N GLY A 129 -4.74 -12.74 -11.18
CA GLY A 129 -3.81 -12.39 -12.23
C GLY A 129 -3.11 -11.04 -12.15
N LEU A 130 -3.07 -10.44 -10.95
N LEU A 130 -3.06 -10.46 -10.96
CA LEU A 130 -2.39 -9.17 -10.80
CA LEU A 130 -2.39 -9.16 -10.79
C LEU A 130 -0.91 -9.38 -11.00
C LEU A 130 -0.90 -9.39 -10.99
N PRO A 131 -0.25 -8.52 -11.79
CA PRO A 131 1.19 -8.68 -12.02
C PRO A 131 2.03 -8.42 -10.78
N LYS A 132 3.08 -9.21 -10.60
CA LYS A 132 3.95 -9.01 -9.45
C LYS A 132 4.84 -7.82 -9.79
N PRO A 133 5.04 -6.92 -8.83
CA PRO A 133 5.87 -5.73 -9.03
C PRO A 133 7.35 -6.05 -9.19
N ASP A 134 8.03 -5.26 -10.00
CA ASP A 134 9.46 -5.44 -10.21
C ASP A 134 10.15 -5.01 -8.91
N TRP A 135 9.60 -3.98 -8.27
CA TRP A 135 10.15 -3.48 -7.03
C TRP A 135 9.04 -3.08 -6.07
N GLN A 136 9.28 -3.32 -4.79
CA GLN A 136 8.35 -2.91 -3.75
C GLN A 136 9.22 -2.13 -2.80
N VAL A 137 8.91 -0.85 -2.64
CA VAL A 137 9.69 0.02 -1.77
C VAL A 137 8.97 0.24 -0.46
N LEU A 138 9.59 -0.20 0.63
CA LEU A 138 9.00 -0.02 1.94
C LEU A 138 9.52 1.27 2.55
N LEU A 139 8.61 2.21 2.79
CA LEU A 139 8.99 3.47 3.41
C LEU A 139 8.81 3.20 4.90
N ALA A 140 9.88 2.75 5.54
CA ALA A 140 9.86 2.43 6.96
C ALA A 140 9.93 3.69 7.79
N VAL A 141 9.00 3.83 8.73
N VAL A 141 8.99 3.83 8.72
CA VAL A 141 8.94 4.99 9.60
CA VAL A 141 8.93 5.01 9.59
C VAL A 141 8.55 4.56 11.00
C VAL A 141 8.52 4.58 10.99
N SER A 142 8.96 5.32 12.00
CA SER A 142 8.62 5.00 13.38
C SER A 142 7.10 5.02 13.50
N ALA A 143 6.56 4.04 14.24
CA ALA A 143 5.12 3.94 14.42
C ALA A 143 4.56 5.22 15.03
N GLU A 144 5.31 5.79 15.97
CA GLU A 144 4.89 7.01 16.64
C GLU A 144 4.77 8.18 15.68
N LEU A 145 5.77 8.36 14.82
CA LEU A 145 5.76 9.47 13.86
C LEU A 145 4.65 9.34 12.82
N ALA A 146 4.44 8.13 12.31
CA ALA A 146 3.41 7.91 11.32
C ALA A 146 2.03 8.20 11.91
N GLY A 147 1.85 7.77 13.16
CA GLY A 147 0.58 8.00 13.84
C GLY A 147 0.34 9.48 14.04
N GLU A 148 1.42 10.22 14.31
CA GLU A 148 1.32 11.66 14.51
C GLU A 148 0.90 12.33 13.21
N ARG A 149 1.39 11.82 12.09
CA ARG A 149 1.05 12.38 10.79
C ARG A 149 -0.43 12.15 10.47
N SER A 150 -0.93 10.96 10.78
N SER A 150 -0.93 10.96 10.78
CA SER A 150 -2.33 10.64 10.52
CA SER A 150 -2.33 10.63 10.51
C SER A 150 -3.25 11.53 11.35
C SER A 150 -3.25 11.52 11.35
N ARG A 151 -2.88 11.74 12.60
CA ARG A 151 -3.66 12.58 13.50
C ARG A 151 -3.64 14.04 13.02
N GLY A 152 -2.47 14.50 12.60
CA GLY A 152 -2.34 15.87 12.12
C GLY A 152 -3.22 16.10 10.90
N ARG A 153 -3.28 15.09 10.02
N ARG A 153 -3.28 15.08 10.04
CA ARG A 153 -4.09 15.21 8.82
CA ARG A 153 -4.07 15.13 8.81
C ARG A 153 -5.56 15.40 9.15
C ARG A 153 -5.56 15.31 9.10
N ALA A 154 -6.04 14.64 10.13
CA ALA A 154 -7.45 14.73 10.52
C ALA A 154 -7.76 16.10 11.13
N GLN A 155 -6.77 16.68 11.79
CA GLN A 155 -6.94 18.00 12.42
C GLN A 155 -7.06 19.14 11.43
N ARG A 156 -6.31 19.09 10.34
N ARG A 156 -6.29 19.06 10.34
CA ARG A 156 -6.37 20.17 9.37
CA ARG A 156 -6.28 20.12 9.34
C ARG A 156 -7.28 19.91 8.17
C ARG A 156 -7.18 19.87 8.13
N ASP A 157 -7.84 18.72 8.10
CA ASP A 157 -8.73 18.39 6.98
C ASP A 157 -9.97 17.62 7.46
N PRO A 158 -11.15 18.27 7.44
CA PRO A 158 -12.38 17.60 7.88
C PRO A 158 -12.76 16.42 6.99
N GLY A 159 -12.12 16.34 5.82
CA GLY A 159 -12.38 15.24 4.92
C GLY A 159 -11.36 14.13 5.10
N ARG A 160 -10.53 14.24 6.13
CA ARG A 160 -9.50 13.25 6.40
C ARG A 160 -9.52 12.70 7.82
N ALA A 161 -10.71 12.43 8.35
CA ALA A 161 -10.82 11.86 9.69
C ALA A 161 -10.22 10.47 9.65
N ARG A 162 -9.55 10.06 10.74
CA ARG A 162 -8.95 8.74 10.77
C ARG A 162 -9.97 7.62 10.75
N ASP A 163 -9.59 6.47 10.21
CA ASP A 163 -10.49 5.33 10.16
C ASP A 163 -10.14 4.33 11.25
N ASN A 164 -10.86 3.21 11.26
CA ASN A 164 -10.67 2.18 12.27
C ASN A 164 -9.24 1.64 12.37
N TYR A 165 -8.53 1.56 11.24
CA TYR A 165 -7.16 1.06 11.25
C TYR A 165 -6.18 2.09 11.79
N GLU A 166 -6.33 3.33 11.32
CA GLU A 166 -5.45 4.43 11.73
C GLU A 166 -5.56 4.75 13.21
N ARG A 167 -6.73 4.51 13.78
CA ARG A 167 -6.97 4.77 15.21
C ARG A 167 -6.41 3.66 16.09
N ASP A 168 -6.03 2.54 15.48
CA ASP A 168 -5.49 1.38 16.18
C ASP A 168 -3.96 1.42 16.20
N ALA A 169 -3.38 2.05 17.22
CA ALA A 169 -1.92 2.18 17.32
C ALA A 169 -1.17 0.86 17.27
N GLU A 170 -1.68 -0.14 18.00
N GLU A 170 -1.65 -0.14 18.01
CA GLU A 170 -1.06 -1.46 18.05
CA GLU A 170 -1.00 -1.44 18.02
C GLU A 170 -1.08 -2.13 16.69
C GLU A 170 -1.05 -2.12 16.65
N LEU A 171 -2.17 -1.96 15.95
CA LEU A 171 -2.30 -2.55 14.63
C LEU A 171 -1.26 -1.93 13.71
N GLN A 172 -1.11 -0.61 13.77
CA GLN A 172 -0.14 0.09 12.94
C GLN A 172 1.27 -0.40 13.24
N GLN A 173 1.55 -0.64 14.52
N GLN A 173 1.53 -0.64 14.52
CA GLN A 173 2.87 -1.13 14.92
CA GLN A 173 2.82 -1.13 14.98
C GLN A 173 3.12 -2.52 14.34
C GLN A 173 3.11 -2.51 14.38
N ARG A 174 2.16 -3.42 14.53
CA ARG A 174 2.30 -4.77 14.02
C ARG A 174 2.41 -4.80 12.50
N THR A 175 1.70 -3.89 11.83
CA THR A 175 1.73 -3.84 10.38
C THR A 175 3.12 -3.44 9.90
N GLY A 176 3.73 -2.50 10.60
CA GLY A 176 5.08 -2.08 10.24
C GLY A 176 6.03 -3.25 10.37
N ALA A 177 5.83 -4.06 11.41
CA ALA A 177 6.69 -5.23 11.63
C ALA A 177 6.50 -6.29 10.54
N VAL A 178 5.26 -6.54 10.14
CA VAL A 178 5.02 -7.53 9.08
C VAL A 178 5.65 -7.03 7.78
N TYR A 179 5.53 -5.74 7.51
CA TYR A 179 6.10 -5.16 6.31
C TYR A 179 7.61 -5.44 6.28
N ALA A 180 8.28 -5.27 7.42
CA ALA A 180 9.71 -5.50 7.49
C ALA A 180 10.02 -6.96 7.15
N GLU A 181 9.17 -7.87 7.61
CA GLU A 181 9.35 -9.29 7.33
C GLU A 181 9.14 -9.58 5.84
N LEU A 182 8.08 -8.99 5.28
CA LEU A 182 7.80 -9.20 3.87
C LEU A 182 8.98 -8.77 3.00
N ALA A 183 9.57 -7.63 3.36
CA ALA A 183 10.71 -7.10 2.61
C ALA A 183 11.91 -8.05 2.69
N ALA A 184 12.19 -8.51 3.91
CA ALA A 184 13.31 -9.42 4.14
C ALA A 184 13.19 -10.74 3.38
N GLN A 185 11.97 -11.23 3.17
N GLN A 185 11.94 -11.16 3.20
CA GLN A 185 11.83 -12.47 2.44
CA GLN A 185 11.60 -12.42 2.52
C GLN A 185 11.64 -12.25 0.95
C GLN A 185 11.44 -12.24 1.01
N GLY A 186 11.45 -11.00 0.55
CA GLY A 186 11.27 -10.71 -0.86
C GLY A 186 9.89 -11.18 -1.32
N TRP A 187 8.91 -11.00 -0.45
CA TRP A 187 7.54 -11.42 -0.74
C TRP A 187 6.97 -10.70 -1.96
N GLY A 188 6.58 -11.48 -2.97
CA GLY A 188 6.01 -10.91 -4.19
C GLY A 188 7.01 -10.30 -5.15
N GLY A 189 8.28 -10.27 -4.76
CA GLY A 189 9.31 -9.70 -5.61
C GLY A 189 10.36 -8.99 -4.77
N ARG A 190 11.31 -8.35 -5.45
CA ARG A 190 12.38 -7.66 -4.75
C ARG A 190 11.92 -6.40 -4.04
N TRP A 191 12.46 -6.18 -2.85
CA TRP A 191 12.12 -5.01 -2.05
C TRP A 191 13.34 -4.14 -1.76
N LEU A 192 13.04 -2.89 -1.43
N LEU A 192 13.05 -2.90 -1.41
CA LEU A 192 14.05 -1.92 -1.03
CA LEU A 192 14.08 -1.93 -1.04
C LEU A 192 13.44 -1.25 0.18
C LEU A 192 13.47 -1.19 0.14
N VAL A 193 14.20 -1.14 1.26
CA VAL A 193 13.70 -0.47 2.45
C VAL A 193 14.38 0.89 2.56
N VAL A 194 13.57 1.94 2.60
CA VAL A 194 14.09 3.29 2.71
C VAL A 194 13.48 4.05 3.87
N GLY A 195 14.11 5.16 4.22
CA GLY A 195 13.62 5.98 5.32
C GLY A 195 13.03 7.27 4.78
N ALA A 196 12.53 8.11 5.69
CA ALA A 196 11.94 9.37 5.30
C ALA A 196 12.95 10.31 4.65
N ASP A 197 14.23 10.07 4.89
CA ASP A 197 15.28 10.91 4.33
C ASP A 197 15.95 10.36 3.09
N VAL A 198 15.30 9.41 2.42
CA VAL A 198 15.87 8.82 1.21
C VAL A 198 15.95 9.84 0.09
N ASP A 199 17.04 9.80 -0.68
CA ASP A 199 17.22 10.71 -1.80
C ASP A 199 16.50 10.22 -3.05
N PRO A 200 15.45 10.95 -3.47
CA PRO A 200 14.65 10.60 -4.64
C PRO A 200 15.47 10.33 -5.90
N GLY A 201 16.54 11.10 -6.09
CA GLY A 201 17.39 10.93 -7.26
C GLY A 201 18.11 9.60 -7.32
N ARG A 202 18.73 9.20 -6.21
CA ARG A 202 19.44 7.94 -6.17
C ARG A 202 18.46 6.77 -6.11
N LEU A 203 17.34 6.96 -5.43
CA LEU A 203 16.35 5.89 -5.34
C LEU A 203 15.87 5.55 -6.75
N ALA A 204 15.61 6.58 -7.54
CA ALA A 204 15.15 6.39 -8.91
C ALA A 204 16.21 5.66 -9.73
N ALA A 205 17.48 5.97 -9.46
CA ALA A 205 18.59 5.34 -10.16
C ALA A 205 18.64 3.85 -9.84
N THR A 206 18.39 3.51 -8.59
CA THR A 206 18.40 2.11 -8.16
C THR A 206 17.26 1.35 -8.81
N LEU A 207 16.09 1.96 -8.87
CA LEU A 207 14.91 1.33 -9.45
C LEU A 207 14.93 1.27 -10.98
N ALA A 208 15.15 2.40 -11.62
CA ALA A 208 15.19 2.46 -13.08
C ALA A 208 16.24 1.49 -13.65
N MET B 1 8.43 -0.93 -16.27
N MET B 1 8.14 -1.47 -16.42
CA MET B 1 8.80 -1.29 -14.86
CA MET B 1 8.65 -1.37 -15.01
C MET B 1 7.70 -0.92 -13.88
C MET B 1 7.51 -1.02 -14.07
N LEU B 2 7.25 -1.91 -13.10
CA LEU B 2 6.19 -1.70 -12.12
C LEU B 2 6.77 -1.59 -10.72
N ILE B 3 6.55 -0.45 -10.08
CA ILE B 3 7.05 -0.19 -8.73
C ILE B 3 5.90 0.10 -7.78
N ALA B 4 5.89 -0.56 -6.63
CA ALA B 4 4.84 -0.31 -5.64
C ALA B 4 5.46 0.30 -4.39
N ILE B 5 4.85 1.38 -3.90
CA ILE B 5 5.32 2.04 -2.68
C ILE B 5 4.43 1.53 -1.55
N GLU B 6 5.06 0.99 -0.50
CA GLU B 6 4.35 0.42 0.64
C GLU B 6 4.73 1.06 1.96
N GLY B 7 3.91 0.86 2.97
CA GLY B 7 4.19 1.43 4.27
C GLY B 7 2.90 1.66 5.04
N VAL B 8 3.04 1.90 6.34
CA VAL B 8 1.88 2.13 7.19
C VAL B 8 1.22 3.47 6.90
N ASP B 9 0.09 3.72 7.54
CA ASP B 9 -0.63 4.97 7.35
C ASP B 9 0.19 6.12 7.89
N GLY B 10 0.33 7.17 7.07
CA GLY B 10 1.10 8.33 7.47
C GLY B 10 2.60 8.17 7.35
N ALA B 11 3.04 7.19 6.59
CA ALA B 11 4.47 6.95 6.42
C ALA B 11 5.11 7.96 5.46
N GLY B 12 4.29 8.56 4.60
CA GLY B 12 4.79 9.53 3.64
C GLY B 12 4.84 8.98 2.22
N LYS B 13 4.04 7.95 1.97
CA LYS B 13 4.01 7.31 0.65
C LYS B 13 3.62 8.22 -0.50
N ARG B 14 2.53 8.97 -0.33
CA ARG B 14 2.06 9.87 -1.37
C ARG B 14 3.15 10.85 -1.78
N THR B 15 3.85 11.39 -0.79
CA THR B 15 4.92 12.34 -1.05
C THR B 15 6.07 11.67 -1.80
N LEU B 16 6.43 10.47 -1.39
CA LEU B 16 7.53 9.76 -2.04
C LEU B 16 7.18 9.46 -3.49
N VAL B 17 5.91 9.13 -3.75
CA VAL B 17 5.48 8.86 -5.12
C VAL B 17 5.70 10.11 -5.98
N GLU B 18 5.38 11.27 -5.41
CA GLU B 18 5.54 12.53 -6.12
C GLU B 18 7.01 12.80 -6.43
N LYS B 19 7.85 12.70 -5.39
CA LYS B 19 9.29 12.93 -5.54
C LYS B 19 9.93 11.93 -6.50
N LEU B 20 9.56 10.66 -6.37
CA LEU B 20 10.12 9.62 -7.22
C LEU B 20 9.72 9.83 -8.68
N SER B 21 8.46 10.19 -8.91
CA SER B 21 7.99 10.43 -10.27
C SER B 21 8.78 11.58 -10.87
N GLY B 22 9.04 12.59 -10.05
CA GLY B 22 9.80 13.75 -10.51
C GLY B 22 11.22 13.35 -10.88
N ALA B 23 11.81 12.48 -10.08
CA ALA B 23 13.17 12.01 -10.33
C ALA B 23 13.25 11.22 -11.62
N PHE B 24 12.28 10.33 -11.86
CA PHE B 24 12.27 9.54 -13.08
C PHE B 24 12.10 10.42 -14.30
N ARG B 25 11.21 11.40 -14.20
CA ARG B 25 10.97 12.32 -15.31
C ARG B 25 12.19 13.19 -15.57
N ALA B 26 12.93 13.49 -14.51
CA ALA B 26 14.14 14.31 -14.63
C ALA B 26 15.20 13.50 -15.36
N ALA B 27 15.04 12.19 -15.36
CA ALA B 27 15.98 11.29 -16.02
C ALA B 27 15.52 10.92 -17.42
N GLY B 28 14.41 11.52 -17.86
CA GLY B 28 13.90 11.27 -19.19
C GLY B 28 12.93 10.14 -19.40
N ARG B 29 12.45 9.53 -18.32
N ARG B 29 12.46 9.52 -18.32
CA ARG B 29 11.51 8.42 -18.43
CA ARG B 29 11.51 8.41 -18.46
C ARG B 29 10.06 8.87 -18.23
C ARG B 29 10.07 8.86 -18.23
N SER B 30 9.15 8.25 -18.98
CA SER B 30 7.73 8.59 -18.86
C SER B 30 7.25 7.86 -17.63
N VAL B 31 6.37 8.51 -16.87
CA VAL B 31 5.86 7.92 -15.64
C VAL B 31 4.34 8.02 -15.51
N ALA B 32 3.74 6.96 -15.00
CA ALA B 32 2.31 6.91 -14.76
C ALA B 32 2.17 6.45 -13.31
N THR B 33 1.14 6.95 -12.62
CA THR B 33 0.92 6.57 -11.24
C THR B 33 -0.53 6.16 -11.00
N LEU B 34 -0.72 5.33 -9.99
CA LEU B 34 -2.05 4.85 -9.63
C LEU B 34 -2.02 4.57 -8.14
N ALA B 35 -3.09 4.92 -7.43
CA ALA B 35 -3.14 4.69 -6.00
C ALA B 35 -4.29 3.78 -5.60
N PHE B 36 -4.03 2.87 -4.64
CA PHE B 36 -5.03 1.95 -4.14
C PHE B 36 -5.19 2.26 -2.65
N PRO B 37 -6.43 2.23 -2.15
CA PRO B 37 -7.69 1.92 -2.83
C PRO B 37 -8.08 3.00 -3.83
N ARG B 38 -8.74 2.61 -4.91
CA ARG B 38 -9.16 3.57 -5.92
C ARG B 38 -10.47 4.24 -5.52
N TYR B 39 -10.41 5.08 -4.49
CA TYR B 39 -11.58 5.78 -4.00
C TYR B 39 -12.34 6.49 -5.12
N GLY B 40 -13.65 6.29 -5.13
CA GLY B 40 -14.50 6.91 -6.13
C GLY B 40 -14.64 6.13 -7.43
N GLN B 41 -13.60 5.38 -7.80
CA GLN B 41 -13.64 4.61 -9.04
C GLN B 41 -13.99 3.15 -8.83
N SER B 42 -14.09 2.74 -7.57
CA SER B 42 -14.40 1.35 -7.25
C SER B 42 -15.42 1.24 -6.12
N VAL B 43 -16.53 0.55 -6.38
CA VAL B 43 -17.56 0.36 -5.37
C VAL B 43 -16.91 -0.36 -4.20
N ALA B 44 -16.16 -1.41 -4.51
CA ALA B 44 -15.47 -2.18 -3.49
C ALA B 44 -14.57 -1.29 -2.63
N ALA B 45 -13.81 -0.41 -3.26
CA ALA B 45 -12.91 0.48 -2.53
C ALA B 45 -13.70 1.45 -1.65
N ASP B 46 -14.81 1.96 -2.16
CA ASP B 46 -15.63 2.91 -1.42
C ASP B 46 -16.36 2.27 -0.24
N ILE B 47 -16.89 1.08 -0.47
CA ILE B 47 -17.57 0.38 0.62
C ILE B 47 -16.55 0.05 1.69
N ALA B 48 -15.34 -0.35 1.29
CA ALA B 48 -14.29 -0.67 2.25
C ALA B 48 -13.97 0.55 3.12
N ALA B 49 -13.76 1.70 2.48
CA ALA B 49 -13.44 2.92 3.22
C ALA B 49 -14.59 3.30 4.15
N GLU B 50 -15.81 3.23 3.65
CA GLU B 50 -16.98 3.56 4.45
C GLU B 50 -17.10 2.64 5.64
N ALA B 51 -16.77 1.37 5.46
CA ALA B 51 -16.83 0.41 6.55
C ALA B 51 -15.81 0.79 7.62
N LEU B 52 -14.63 1.24 7.19
CA LEU B 52 -13.61 1.64 8.14
C LEU B 52 -13.97 2.93 8.86
N HIS B 53 -15.01 3.60 8.37
CA HIS B 53 -15.47 4.82 9.03
C HIS B 53 -16.77 4.61 9.79
N GLY B 54 -17.10 3.34 10.05
CA GLY B 54 -18.28 3.03 10.82
C GLY B 54 -19.56 2.59 10.16
N GLU B 55 -19.56 2.47 8.84
N GLU B 55 -19.56 2.47 8.84
CA GLU B 55 -20.76 2.07 8.11
CA GLU B 55 -20.78 2.06 8.14
C GLU B 55 -20.76 0.60 7.72
C GLU B 55 -20.76 0.60 7.71
N HIS B 56 -21.86 0.17 7.11
CA HIS B 56 -21.99 -1.21 6.63
C HIS B 56 -21.92 -2.33 7.65
N GLY B 57 -22.69 -2.18 8.72
CA GLY B 57 -22.77 -3.19 9.75
C GLY B 57 -21.50 -3.84 10.23
N ASP B 58 -21.45 -5.16 10.17
CA ASP B 58 -20.31 -5.93 10.66
C ASP B 58 -19.23 -6.22 9.63
N LEU B 59 -19.27 -5.54 8.49
N LEU B 59 -19.28 -5.53 8.51
CA LEU B 59 -18.29 -5.79 7.45
CA LEU B 59 -18.30 -5.74 7.43
C LEU B 59 -16.83 -5.62 7.87
C LEU B 59 -16.85 -5.61 7.87
N ALA B 60 -16.50 -4.47 8.45
CA ALA B 60 -15.13 -4.22 8.89
C ALA B 60 -14.59 -5.17 9.96
N SER B 61 -15.48 -5.84 10.69
CA SER B 61 -15.03 -6.76 11.73
C SER B 61 -14.40 -8.02 11.16
N SER B 62 -14.63 -8.25 9.87
CA SER B 62 -14.04 -9.42 9.21
C SER B 62 -12.76 -9.04 8.49
N VAL B 63 -11.65 -9.65 8.89
CA VAL B 63 -10.37 -9.38 8.28
C VAL B 63 -10.35 -9.80 6.81
N TYR B 64 -10.90 -10.98 6.52
CA TYR B 64 -10.91 -11.45 5.14
C TYR B 64 -11.90 -10.71 4.24
N ALA B 65 -12.98 -10.18 4.82
CA ALA B 65 -13.95 -9.43 4.01
C ALA B 65 -13.28 -8.14 3.54
N MET B 66 -12.57 -7.47 4.43
CA MET B 66 -11.88 -6.24 4.07
C MET B 66 -10.81 -6.54 3.02
N ALA B 67 -10.05 -7.59 3.24
CA ALA B 67 -9.01 -7.95 2.29
C ALA B 67 -9.63 -8.25 0.92
N THR B 68 -10.76 -8.94 0.92
CA THR B 68 -11.41 -9.28 -0.34
C THR B 68 -11.85 -8.02 -1.09
N LEU B 69 -12.36 -7.03 -0.38
CA LEU B 69 -12.80 -5.80 -1.04
C LEU B 69 -11.61 -5.09 -1.71
N PHE B 70 -10.49 -5.02 -1.01
CA PHE B 70 -9.33 -4.35 -1.59
C PHE B 70 -8.79 -5.14 -2.77
N ALA B 71 -8.91 -6.47 -2.71
CA ALA B 71 -8.45 -7.32 -3.79
C ALA B 71 -9.38 -7.16 -5.00
N LEU B 72 -10.68 -7.01 -4.75
CA LEU B 72 -11.64 -6.83 -5.84
C LEU B 72 -11.42 -5.48 -6.51
N ASP B 73 -11.03 -4.48 -5.72
CA ASP B 73 -10.76 -3.16 -6.27
C ASP B 73 -9.62 -3.32 -7.27
N ARG B 74 -8.55 -3.98 -6.85
CA ARG B 74 -7.43 -4.20 -7.76
C ARG B 74 -7.82 -5.06 -8.95
N ALA B 75 -8.71 -6.02 -8.73
CA ALA B 75 -9.15 -6.90 -9.83
C ALA B 75 -9.76 -6.06 -10.95
N GLY B 76 -10.47 -5.00 -10.56
CA GLY B 76 -11.09 -4.14 -11.56
C GLY B 76 -10.10 -3.23 -12.25
N ALA B 77 -8.85 -3.25 -11.80
CA ALA B 77 -7.80 -2.42 -12.37
C ALA B 77 -6.72 -3.18 -13.11
N VAL B 78 -6.88 -4.50 -13.23
CA VAL B 78 -5.89 -5.33 -13.91
C VAL B 78 -5.56 -4.82 -15.31
N HIS B 79 -6.59 -4.57 -16.11
CA HIS B 79 -6.38 -4.10 -17.48
C HIS B 79 -5.73 -2.72 -17.51
N THR B 80 -6.11 -1.87 -16.56
CA THR B 80 -5.54 -0.52 -16.49
C THR B 80 -4.05 -0.60 -16.18
N ILE B 81 -3.68 -1.48 -15.25
CA ILE B 81 -2.28 -1.64 -14.88
C ILE B 81 -1.46 -2.17 -16.05
N GLN B 82 -1.97 -3.19 -16.73
CA GLN B 82 -1.28 -3.78 -17.88
C GLN B 82 -1.10 -2.75 -18.99
N GLY B 83 -2.11 -1.92 -19.20
CA GLY B 83 -2.04 -0.89 -20.23
C GLY B 83 -1.00 0.16 -19.91
N LEU B 84 -0.93 0.56 -18.65
CA LEU B 84 0.04 1.57 -18.23
C LEU B 84 1.47 1.09 -18.38
N CYS B 85 1.69 -0.19 -18.08
CA CYS B 85 3.04 -0.76 -18.18
C CYS B 85 3.55 -0.87 -19.61
N ARG B 86 2.64 -0.98 -20.57
CA ARG B 86 3.05 -1.07 -21.97
C ARG B 86 3.02 0.29 -22.64
N GLY B 87 2.65 1.31 -21.87
CA GLY B 87 2.57 2.65 -22.43
C GLY B 87 3.58 3.61 -21.80
N TYR B 88 4.02 3.30 -20.59
CA TYR B 88 4.98 4.15 -19.89
C TYR B 88 6.24 3.38 -19.50
N ASP B 89 7.35 4.09 -19.32
CA ASP B 89 8.60 3.47 -18.92
C ASP B 89 8.52 2.97 -17.49
N VAL B 90 7.83 3.73 -16.65
CA VAL B 90 7.69 3.40 -15.25
C VAL B 90 6.26 3.62 -14.76
N VAL B 91 5.75 2.67 -13.99
CA VAL B 91 4.43 2.77 -13.41
C VAL B 91 4.63 2.64 -11.91
N ILE B 92 4.21 3.66 -11.16
CA ILE B 92 4.37 3.67 -9.71
C ILE B 92 3.02 3.59 -9.03
N LEU B 93 2.89 2.66 -8.07
CA LEU B 93 1.65 2.47 -7.35
C LEU B 93 1.76 2.89 -5.88
N ASP B 94 0.77 3.64 -5.37
CA ASP B 94 0.72 4.10 -3.99
C ASP B 94 -0.12 3.00 -3.36
N ARG B 95 0.58 2.00 -2.82
CA ARG B 95 -0.02 0.81 -2.19
C ARG B 95 -0.33 -0.20 -3.29
N TYR B 96 -0.16 -1.47 -2.96
CA TYR B 96 -0.47 -2.55 -3.90
C TYR B 96 -0.80 -3.79 -3.08
N VAL B 97 -0.60 -4.96 -3.67
CA VAL B 97 -0.93 -6.21 -3.01
C VAL B 97 -0.32 -6.42 -1.62
N ALA B 98 0.92 -6.01 -1.40
CA ALA B 98 1.56 -6.19 -0.10
C ALA B 98 0.82 -5.50 1.05
N SER B 99 0.11 -4.42 0.75
CA SER B 99 -0.65 -3.71 1.79
C SER B 99 -1.67 -4.68 2.38
N ASN B 100 -2.28 -5.47 1.51
CA ASN B 100 -3.28 -6.43 1.98
C ASN B 100 -2.65 -7.52 2.85
N ALA B 101 -1.46 -7.99 2.47
CA ALA B 101 -0.79 -9.01 3.25
C ALA B 101 -0.37 -8.46 4.61
N ALA B 102 0.21 -7.27 4.62
CA ALA B 102 0.68 -6.66 5.87
C ALA B 102 -0.44 -6.36 6.86
N TYR B 103 -1.47 -5.64 6.41
CA TYR B 103 -2.57 -5.30 7.31
C TYR B 103 -3.39 -6.51 7.74
N SER B 104 -3.63 -7.46 6.83
CA SER B 104 -4.40 -8.65 7.19
C SER B 104 -3.67 -9.48 8.23
N ALA B 105 -2.38 -9.71 8.02
CA ALA B 105 -1.58 -10.49 8.96
C ALA B 105 -1.58 -9.78 10.31
N ALA B 106 -1.35 -8.47 10.30
CA ALA B 106 -1.32 -7.71 11.53
C ALA B 106 -2.65 -7.73 12.29
N ARG B 107 -3.77 -7.67 11.58
CA ARG B 107 -5.05 -7.70 12.28
C ARG B 107 -5.25 -9.05 12.97
N LEU B 108 -4.68 -10.10 12.40
CA LEU B 108 -4.80 -11.44 12.94
C LEU B 108 -3.65 -11.82 13.88
N HIS B 109 -2.73 -10.89 14.11
CA HIS B 109 -1.56 -11.12 14.96
C HIS B 109 -0.71 -12.26 14.42
N GLU B 110 -0.62 -12.31 13.10
CA GLU B 110 0.18 -13.32 12.39
C GLU B 110 1.44 -12.64 11.87
N ASN B 111 2.40 -13.43 11.41
CA ASN B 111 3.62 -12.86 10.82
C ASN B 111 3.55 -13.04 9.30
N ALA B 112 4.59 -12.62 8.60
CA ALA B 112 4.62 -12.70 7.15
C ALA B 112 4.57 -14.12 6.59
N ALA B 113 4.94 -15.10 7.41
CA ALA B 113 4.92 -16.48 6.97
C ALA B 113 3.60 -17.15 7.35
N GLY B 114 2.64 -16.33 7.79
CA GLY B 114 1.35 -16.85 8.22
C GLY B 114 0.31 -17.11 7.14
N LYS B 115 -0.89 -17.48 7.61
CA LYS B 115 -2.02 -17.82 6.76
C LYS B 115 -2.53 -16.69 5.87
N ALA B 116 -2.70 -15.51 6.44
CA ALA B 116 -3.23 -14.38 5.69
C ALA B 116 -2.35 -13.96 4.53
N ALA B 117 -1.04 -13.85 4.77
CA ALA B 117 -0.14 -13.44 3.70
C ALA B 117 -0.17 -14.46 2.56
N ALA B 118 -0.23 -15.74 2.90
CA ALA B 118 -0.26 -16.79 1.89
C ALA B 118 -1.57 -16.74 1.11
N TRP B 119 -2.67 -16.40 1.80
CA TRP B 119 -3.97 -16.29 1.15
C TRP B 119 -3.93 -15.13 0.14
N VAL B 120 -3.34 -14.00 0.52
CA VAL B 120 -3.25 -12.86 -0.37
C VAL B 120 -2.46 -13.24 -1.62
N GLN B 121 -1.37 -13.99 -1.44
N GLN B 121 -1.38 -14.01 -1.43
CA GLN B 121 -0.56 -14.45 -2.58
CA GLN B 121 -0.53 -14.47 -2.52
C GLN B 121 -1.44 -15.25 -3.53
C GLN B 121 -1.37 -15.28 -3.52
N ARG B 122 -2.10 -16.27 -3.00
CA ARG B 122 -2.96 -17.14 -3.81
C ARG B 122 -4.09 -16.42 -4.52
N ILE B 123 -4.76 -15.52 -3.82
CA ILE B 123 -5.90 -14.83 -4.39
C ILE B 123 -5.54 -13.73 -5.38
N GLU B 124 -4.67 -12.82 -4.97
CA GLU B 124 -4.35 -11.70 -5.85
C GLU B 124 -3.41 -11.95 -7.01
N PHE B 125 -2.28 -12.61 -6.75
CA PHE B 125 -1.33 -12.86 -7.82
C PHE B 125 -1.71 -14.04 -8.71
N ALA B 126 -2.02 -15.17 -8.11
CA ALA B 126 -2.37 -16.35 -8.88
C ALA B 126 -3.78 -16.37 -9.45
N ARG B 127 -4.77 -16.22 -8.59
CA ARG B 127 -6.16 -16.26 -9.03
C ARG B 127 -6.65 -15.06 -9.84
N LEU B 128 -6.42 -13.84 -9.32
CA LEU B 128 -6.87 -12.64 -10.02
C LEU B 128 -5.94 -12.17 -11.13
N GLY B 129 -4.74 -12.74 -11.18
CA GLY B 129 -3.81 -12.39 -12.23
C GLY B 129 -3.11 -11.04 -12.15
N LEU B 130 -3.07 -10.44 -10.95
N LEU B 130 -3.06 -10.46 -10.96
CA LEU B 130 -2.39 -9.17 -10.80
CA LEU B 130 -2.39 -9.16 -10.79
C LEU B 130 -0.91 -9.38 -11.00
C LEU B 130 -0.90 -9.39 -10.99
N PRO B 131 -0.25 -8.52 -11.79
CA PRO B 131 1.19 -8.68 -12.02
C PRO B 131 2.03 -8.42 -10.78
N LYS B 132 3.08 -9.21 -10.60
CA LYS B 132 3.95 -9.01 -9.45
C LYS B 132 4.84 -7.82 -9.79
N PRO B 133 5.04 -6.92 -8.83
CA PRO B 133 5.87 -5.73 -9.03
C PRO B 133 7.35 -6.05 -9.19
N ASP B 134 8.03 -5.26 -10.00
CA ASP B 134 9.46 -5.44 -10.21
C ASP B 134 10.15 -5.01 -8.91
N TRP B 135 9.60 -3.98 -8.27
CA TRP B 135 10.15 -3.48 -7.03
C TRP B 135 9.04 -3.08 -6.07
N GLN B 136 9.28 -3.32 -4.79
CA GLN B 136 8.35 -2.91 -3.75
C GLN B 136 9.22 -2.13 -2.80
N VAL B 137 8.91 -0.85 -2.64
CA VAL B 137 9.69 0.02 -1.77
C VAL B 137 8.97 0.24 -0.46
N LEU B 138 9.59 -0.20 0.63
CA LEU B 138 9.00 -0.02 1.94
C LEU B 138 9.52 1.27 2.55
N LEU B 139 8.61 2.21 2.79
CA LEU B 139 8.99 3.47 3.41
C LEU B 139 8.81 3.20 4.90
N ALA B 140 9.88 2.75 5.54
CA ALA B 140 9.86 2.43 6.96
C ALA B 140 9.93 3.69 7.79
N VAL B 141 9.00 3.83 8.73
N VAL B 141 8.99 3.83 8.72
CA VAL B 141 8.94 4.99 9.60
CA VAL B 141 8.93 5.01 9.59
C VAL B 141 8.55 4.56 11.00
C VAL B 141 8.52 4.58 10.99
N SER B 142 8.96 5.32 12.00
CA SER B 142 8.62 5.00 13.38
C SER B 142 7.10 5.02 13.50
N ALA B 143 6.56 4.04 14.24
CA ALA B 143 5.12 3.94 14.42
C ALA B 143 4.56 5.22 15.03
N GLU B 144 5.31 5.79 15.97
CA GLU B 144 4.89 7.01 16.64
C GLU B 144 4.77 8.18 15.68
N LEU B 145 5.77 8.36 14.82
CA LEU B 145 5.76 9.47 13.86
C LEU B 145 4.65 9.34 12.82
N ALA B 146 4.44 8.13 12.31
CA ALA B 146 3.41 7.91 11.32
C ALA B 146 2.03 8.20 11.91
N GLY B 147 1.85 7.77 13.16
CA GLY B 147 0.58 8.00 13.84
C GLY B 147 0.34 9.48 14.04
N GLU B 148 1.42 10.22 14.31
CA GLU B 148 1.32 11.66 14.51
C GLU B 148 0.90 12.33 13.21
N ARG B 149 1.39 11.82 12.09
CA ARG B 149 1.05 12.38 10.79
C ARG B 149 -0.43 12.15 10.47
N SER B 150 -0.93 10.96 10.78
N SER B 150 -0.93 10.96 10.78
CA SER B 150 -2.33 10.64 10.52
CA SER B 150 -2.33 10.63 10.51
C SER B 150 -3.25 11.53 11.35
C SER B 150 -3.25 11.52 11.35
N ARG B 151 -2.88 11.74 12.60
CA ARG B 151 -3.66 12.58 13.50
C ARG B 151 -3.64 14.04 13.02
N GLY B 152 -2.47 14.50 12.60
CA GLY B 152 -2.34 15.87 12.12
C GLY B 152 -3.22 16.10 10.90
N ARG B 153 -3.28 15.09 10.02
N ARG B 153 -3.28 15.08 10.04
CA ARG B 153 -4.09 15.21 8.82
CA ARG B 153 -4.07 15.13 8.81
C ARG B 153 -5.56 15.40 9.15
C ARG B 153 -5.56 15.31 9.10
N ALA B 154 -6.04 14.64 10.13
CA ALA B 154 -7.45 14.73 10.52
C ALA B 154 -7.76 16.10 11.13
N GLN B 155 -6.77 16.68 11.79
CA GLN B 155 -6.94 18.00 12.42
C GLN B 155 -7.06 19.14 11.43
N ARG B 156 -6.31 19.09 10.34
N ARG B 156 -6.29 19.06 10.34
CA ARG B 156 -6.37 20.17 9.37
CA ARG B 156 -6.28 20.12 9.34
C ARG B 156 -7.28 19.91 8.17
C ARG B 156 -7.18 19.87 8.13
N ASP B 157 -7.84 18.72 8.10
CA ASP B 157 -8.73 18.39 6.98
C ASP B 157 -9.97 17.62 7.46
N PRO B 158 -11.15 18.27 7.44
CA PRO B 158 -12.38 17.60 7.88
C PRO B 158 -12.76 16.42 6.99
N GLY B 159 -12.16 16.37 5.80
CA GLY B 159 -12.45 15.30 4.86
C GLY B 159 -11.50 14.13 5.01
N ARG B 160 -10.57 14.22 5.97
CA ARG B 160 -9.63 13.14 6.19
C ARG B 160 -9.54 12.68 7.64
N ALA B 161 -10.69 12.44 8.25
CA ALA B 161 -10.73 11.96 9.63
C ALA B 161 -10.08 10.58 9.61
N ARG B 162 -9.49 10.15 10.71
CA ARG B 162 -8.86 8.83 10.72
C ARG B 162 -9.90 7.71 10.66
N ASP B 163 -9.50 6.57 10.13
CA ASP B 163 -10.41 5.43 10.07
C ASP B 163 -10.04 4.42 11.16
N ASN B 164 -10.79 3.34 11.23
CA ASN B 164 -10.57 2.31 12.24
C ASN B 164 -9.13 1.79 12.32
N TYR B 165 -8.49 1.56 11.18
CA TYR B 165 -7.12 1.06 11.17
C TYR B 165 -6.14 2.10 11.71
N GLU B 166 -6.33 3.36 11.30
CA GLU B 166 -5.46 4.45 11.70
C GLU B 166 -5.57 4.79 13.19
N ARG B 167 -6.73 4.51 13.78
CA ARG B 167 -6.97 4.77 15.21
C ARG B 167 -6.41 3.66 16.09
N ASP B 168 -6.03 2.54 15.48
CA ASP B 168 -5.49 1.38 16.18
C ASP B 168 -3.96 1.42 16.20
N ALA B 169 -3.38 2.05 17.22
CA ALA B 169 -1.92 2.18 17.32
C ALA B 169 -1.17 0.86 17.27
N GLU B 170 -1.68 -0.14 18.00
N GLU B 170 -1.65 -0.14 18.01
CA GLU B 170 -1.06 -1.46 18.05
CA GLU B 170 -1.00 -1.44 18.02
C GLU B 170 -1.08 -2.13 16.69
C GLU B 170 -1.05 -2.12 16.65
N LEU B 171 -2.17 -1.96 15.95
CA LEU B 171 -2.30 -2.55 14.63
C LEU B 171 -1.26 -1.93 13.71
N GLN B 172 -1.11 -0.61 13.77
CA GLN B 172 -0.14 0.09 12.94
C GLN B 172 1.27 -0.40 13.24
N GLN B 173 1.55 -0.64 14.52
N GLN B 173 1.53 -0.64 14.52
CA GLN B 173 2.87 -1.13 14.92
CA GLN B 173 2.82 -1.13 14.98
C GLN B 173 3.12 -2.52 14.34
C GLN B 173 3.11 -2.51 14.38
N ARG B 174 2.16 -3.42 14.53
CA ARG B 174 2.30 -4.77 14.02
C ARG B 174 2.41 -4.80 12.50
N THR B 175 1.70 -3.89 11.83
CA THR B 175 1.73 -3.84 10.38
C THR B 175 3.12 -3.44 9.90
N GLY B 176 3.73 -2.50 10.60
CA GLY B 176 5.08 -2.08 10.24
C GLY B 176 6.03 -3.25 10.37
N ALA B 177 5.83 -4.06 11.41
CA ALA B 177 6.69 -5.23 11.63
C ALA B 177 6.50 -6.29 10.54
N VAL B 178 5.26 -6.54 10.14
CA VAL B 178 5.02 -7.53 9.08
C VAL B 178 5.65 -7.03 7.78
N TYR B 179 5.53 -5.74 7.51
CA TYR B 179 6.10 -5.16 6.31
C TYR B 179 7.61 -5.44 6.28
N ALA B 180 8.28 -5.27 7.42
CA ALA B 180 9.71 -5.50 7.49
C ALA B 180 10.02 -6.96 7.15
N GLU B 181 9.17 -7.87 7.61
CA GLU B 181 9.35 -9.29 7.33
C GLU B 181 9.14 -9.58 5.84
N LEU B 182 8.08 -8.99 5.28
CA LEU B 182 7.80 -9.20 3.87
C LEU B 182 8.98 -8.77 3.00
N ALA B 183 9.57 -7.63 3.36
CA ALA B 183 10.71 -7.10 2.61
C ALA B 183 11.91 -8.05 2.69
N ALA B 184 12.19 -8.51 3.91
CA ALA B 184 13.31 -9.42 4.14
C ALA B 184 13.19 -10.74 3.38
N GLN B 185 11.94 -11.16 3.20
N GLN B 185 11.97 -11.23 3.17
CA GLN B 185 11.60 -12.42 2.52
CA GLN B 185 11.83 -12.47 2.44
C GLN B 185 11.44 -12.24 1.01
C GLN B 185 11.64 -12.25 0.95
N GLY B 186 11.45 -11.00 0.55
CA GLY B 186 11.27 -10.71 -0.86
C GLY B 186 9.89 -11.18 -1.32
N TRP B 187 8.91 -11.00 -0.45
CA TRP B 187 7.54 -11.42 -0.74
C TRP B 187 6.97 -10.70 -1.96
N GLY B 188 6.58 -11.48 -2.97
CA GLY B 188 6.01 -10.91 -4.19
C GLY B 188 7.01 -10.30 -5.15
N GLY B 189 8.28 -10.27 -4.76
CA GLY B 189 9.31 -9.70 -5.61
C GLY B 189 10.36 -8.99 -4.77
N ARG B 190 11.31 -8.35 -5.45
CA ARG B 190 12.38 -7.66 -4.75
C ARG B 190 11.92 -6.40 -4.04
N TRP B 191 12.46 -6.18 -2.85
CA TRP B 191 12.12 -5.01 -2.05
C TRP B 191 13.34 -4.14 -1.76
N LEU B 192 13.04 -2.89 -1.43
N LEU B 192 13.05 -2.90 -1.41
CA LEU B 192 14.05 -1.92 -1.03
CA LEU B 192 14.08 -1.93 -1.04
C LEU B 192 13.44 -1.25 0.18
C LEU B 192 13.47 -1.19 0.14
N VAL B 193 14.20 -1.14 1.26
CA VAL B 193 13.70 -0.47 2.45
C VAL B 193 14.38 0.89 2.56
N VAL B 194 13.57 1.94 2.60
CA VAL B 194 14.09 3.29 2.71
C VAL B 194 13.48 4.05 3.87
N GLY B 195 14.11 5.16 4.22
CA GLY B 195 13.62 5.98 5.32
C GLY B 195 13.03 7.27 4.78
N ALA B 196 12.53 8.11 5.69
CA ALA B 196 11.94 9.37 5.30
C ALA B 196 12.95 10.31 4.65
N ASP B 197 14.23 10.07 4.89
CA ASP B 197 15.28 10.91 4.33
C ASP B 197 15.95 10.36 3.09
N VAL B 198 15.30 9.41 2.42
CA VAL B 198 15.87 8.82 1.21
C VAL B 198 15.95 9.84 0.09
N ASP B 199 17.04 9.80 -0.68
CA ASP B 199 17.22 10.71 -1.80
C ASP B 199 16.50 10.22 -3.05
N PRO B 200 15.45 10.95 -3.47
CA PRO B 200 14.65 10.60 -4.64
C PRO B 200 15.47 10.33 -5.90
N GLY B 201 16.54 11.10 -6.09
CA GLY B 201 17.39 10.93 -7.26
C GLY B 201 18.11 9.60 -7.32
N ARG B 202 18.73 9.20 -6.21
CA ARG B 202 19.44 7.94 -6.17
C ARG B 202 18.46 6.77 -6.11
N LEU B 203 17.34 6.96 -5.43
CA LEU B 203 16.35 5.89 -5.34
C LEU B 203 15.87 5.55 -6.75
N ALA B 204 15.61 6.58 -7.54
CA ALA B 204 15.15 6.39 -8.91
C ALA B 204 16.21 5.66 -9.73
N ALA B 205 17.48 5.97 -9.46
CA ALA B 205 18.59 5.34 -10.16
C ALA B 205 18.64 3.85 -9.84
N THR B 206 18.39 3.51 -8.59
CA THR B 206 18.40 2.11 -8.16
C THR B 206 17.26 1.35 -8.81
N LEU B 207 16.09 1.96 -8.87
CA LEU B 207 14.91 1.33 -9.45
C LEU B 207 14.93 1.27 -10.98
N ALA B 208 15.15 2.40 -11.62
CA ALA B 208 15.19 2.46 -13.08
C ALA B 208 16.24 1.49 -13.65
#